data_7XVY
#
_entry.id   7XVY
#
_cell.length_a   52.194
_cell.length_b   89.014
_cell.length_c   101.328
_cell.angle_alpha   90.000
_cell.angle_beta   90.000
_cell.angle_gamma   90.000
#
_symmetry.space_group_name_H-M   'P 21 21 21'
#
loop_
_entity.id
_entity.type
_entity.pdbx_description
1 polymer 'Estrogen receptor beta'
2 polymer 'Nuclear receptor coactivator 1'
3 non-polymer (2~{S})-2,3-bis(4-hydroxyphenyl)propanenitrile
4 water water
#
loop_
_entity_poly.entity_id
_entity_poly.type
_entity_poly.pdbx_seq_one_letter_code
_entity_poly.pdbx_strand_id
1 'polypeptide(L)'
;GPLGSDALSPEQLVLTLLEAEPPHVLISRPSAPFTEASMMMSLTKLADKELVHMISWAKKIPGFVELSLFDQVRLLESSW
MEVLMMGLMWRSIDHPGKLIFAPDLVLDRDEGKSVEGILEIFDMLLATTSRFRELKLQHKEYLCVKAMILLNSSMYPLVT
ATQDADSSRKLAHLLNAVTDALVWVIAKSGISSQQQSMRLANLLMLLSHVRHASNKGMEHLLNMKSKNVVPVYDLLLEML
NAHVLDD
;
A,B
2 'polypeptide(L)' SGSHKLVQLLTTT C,D
#
# COMPACT_ATOMS: atom_id res chain seq x y z
N LEU A 8 -24.79 11.62 -9.32
CA LEU A 8 -24.06 11.49 -10.61
C LEU A 8 -24.00 10.01 -11.02
N SER A 9 -24.27 9.78 -12.31
CA SER A 9 -23.97 8.51 -12.97
C SER A 9 -22.46 8.31 -12.91
N PRO A 10 -21.96 7.06 -12.90
CA PRO A 10 -20.52 6.88 -13.05
C PRO A 10 -19.91 7.62 -14.26
N GLU A 11 -20.60 7.67 -15.41
CA GLU A 11 -20.12 8.36 -16.59
C GLU A 11 -19.94 9.85 -16.25
N GLN A 12 -20.92 10.43 -15.58
CA GLN A 12 -20.88 11.86 -15.27
C GLN A 12 -19.85 12.13 -14.17
N LEU A 13 -19.60 11.17 -13.28
CA LEU A 13 -18.55 11.33 -12.28
C LEU A 13 -17.21 11.33 -13.01
N VAL A 14 -16.96 10.39 -13.92
CA VAL A 14 -15.71 10.34 -14.65
C VAL A 14 -15.51 11.63 -15.45
N LEU A 15 -16.58 12.17 -16.06
CA LEU A 15 -16.45 13.45 -16.77
C LEU A 15 -16.03 14.58 -15.84
N THR A 16 -16.55 14.61 -14.62
CA THR A 16 -16.16 15.58 -13.61
C THR A 16 -14.68 15.44 -13.28
N LEU A 17 -14.18 14.19 -13.18
CA LEU A 17 -12.74 14.02 -12.95
C LEU A 17 -11.92 14.48 -14.16
N LEU A 18 -12.45 14.24 -15.38
CA LEU A 18 -11.77 14.72 -16.57
C LEU A 18 -11.68 16.25 -16.51
N GLU A 19 -12.75 16.89 -16.03
CA GLU A 19 -12.80 18.35 -15.95
C GLU A 19 -11.92 18.92 -14.85
N ALA A 20 -11.61 18.10 -13.86
CA ALA A 20 -10.83 18.48 -12.69
C ALA A 20 -9.34 18.39 -13.01
N GLU A 21 -8.93 17.84 -14.16
CA GLU A 21 -7.54 17.52 -14.41
C GLU A 21 -6.70 18.79 -14.38
N PRO A 22 -5.55 18.76 -13.69
CA PRO A 22 -4.67 19.93 -13.64
C PRO A 22 -4.11 20.28 -15.00
N PRO A 23 -3.72 21.56 -15.19
CA PRO A 23 -3.03 21.93 -16.44
C PRO A 23 -1.69 21.21 -16.56
N HIS A 24 -1.17 21.23 -17.78
CA HIS A 24 0.21 20.81 -18.02
C HIS A 24 1.15 21.81 -17.33
N VAL A 25 2.17 21.31 -16.62
CA VAL A 25 3.10 22.14 -15.86
C VAL A 25 4.50 22.03 -16.48
N LEU A 26 5.20 23.18 -16.61
CA LEU A 26 6.56 23.27 -17.13
C LEU A 26 7.46 23.90 -16.06
N ILE A 27 8.75 23.55 -16.05
CA ILE A 27 9.65 23.98 -15.01
C ILE A 27 10.21 25.35 -15.39
N SER A 28 10.22 25.68 -16.69
CA SER A 28 10.67 27.01 -17.16
C SER A 28 12.08 27.30 -16.67
N ARG A 29 13.08 26.60 -17.23
N GLU A 36 22.29 16.57 -11.20
CA GLU A 36 22.97 17.03 -9.96
C GLU A 36 22.04 18.01 -9.25
N ALA A 37 22.63 19.11 -8.77
CA ALA A 37 21.89 20.17 -8.08
C ALA A 37 20.77 20.70 -8.99
N SER A 38 21.04 20.86 -10.29
CA SER A 38 20.06 21.39 -11.22
C SER A 38 18.85 20.46 -11.34
N MET A 39 19.11 19.15 -11.47
CA MET A 39 18.02 18.18 -11.59
C MET A 39 17.16 18.23 -10.33
N MET A 40 17.78 18.25 -9.13
CA MET A 40 17.00 18.24 -7.90
C MET A 40 16.20 19.54 -7.72
N MET A 41 16.78 20.68 -8.08
CA MET A 41 16.07 21.95 -8.02
C MET A 41 14.88 21.91 -8.96
N SER A 42 15.05 21.31 -10.14
CA SER A 42 13.96 21.30 -11.12
C SER A 42 12.81 20.44 -10.57
N LEU A 43 13.18 19.37 -9.91
CA LEU A 43 12.17 18.41 -9.45
C LEU A 43 11.39 18.99 -8.29
N THR A 44 12.08 19.68 -7.37
CA THR A 44 11.41 20.27 -6.22
C THR A 44 10.62 21.49 -6.67
N LYS A 45 11.13 22.30 -7.64
CA LYS A 45 10.36 23.39 -8.20
C LYS A 45 9.07 22.86 -8.85
N LEU A 46 9.21 21.75 -9.59
CA LEU A 46 8.08 21.15 -10.26
C LEU A 46 7.04 20.65 -9.23
N ALA A 47 7.50 19.96 -8.18
CA ALA A 47 6.58 19.39 -7.19
C ALA A 47 5.80 20.52 -6.52
N ASP A 48 6.50 21.63 -6.20
CA ASP A 48 5.82 22.76 -5.60
C ASP A 48 4.72 23.32 -6.50
N LYS A 49 5.01 23.52 -7.81
CA LYS A 49 4.05 24.01 -8.76
C LYS A 49 2.89 23.02 -8.88
N GLU A 50 3.23 21.72 -8.97
CA GLU A 50 2.19 20.73 -9.14
C GLU A 50 1.28 20.64 -7.92
N LEU A 51 1.83 20.88 -6.71
CA LEU A 51 1.00 20.83 -5.51
C LEU A 51 -0.08 21.91 -5.51
N VAL A 52 0.26 23.09 -6.06
CA VAL A 52 -0.73 24.17 -6.18
C VAL A 52 -1.91 23.67 -7.01
N HIS A 53 -1.62 23.04 -8.17
CA HIS A 53 -2.65 22.57 -9.05
C HIS A 53 -3.38 21.34 -8.50
N MET A 54 -2.67 20.52 -7.70
CA MET A 54 -3.31 19.39 -7.03
C MET A 54 -4.43 19.82 -6.09
N ILE A 55 -4.21 20.89 -5.31
CA ILE A 55 -5.25 21.36 -4.41
C ILE A 55 -6.51 21.75 -5.20
N SER A 56 -6.32 22.47 -6.30
N SER A 56 -6.32 22.44 -6.32
CA SER A 56 -7.41 22.84 -7.20
CA SER A 56 -7.42 22.86 -7.18
C SER A 56 -8.18 21.61 -7.69
C SER A 56 -8.13 21.67 -7.86
N TRP A 57 -7.39 20.60 -8.12
CA TRP A 57 -7.95 19.37 -8.61
C TRP A 57 -8.82 18.73 -7.55
N ALA A 58 -8.30 18.55 -6.34
CA ALA A 58 -9.07 17.88 -5.32
C ALA A 58 -10.39 18.59 -5.05
N LYS A 59 -10.36 19.93 -5.05
CA LYS A 59 -11.59 20.67 -4.76
C LYS A 59 -12.63 20.50 -5.85
N LYS A 60 -12.22 20.04 -7.04
CA LYS A 60 -13.16 19.77 -8.14
C LYS A 60 -13.68 18.33 -8.15
N ILE A 61 -13.23 17.49 -7.23
CA ILE A 61 -13.81 16.16 -7.06
C ILE A 61 -15.15 16.33 -6.36
N PRO A 62 -16.30 15.97 -6.97
CA PRO A 62 -17.58 16.15 -6.27
C PRO A 62 -17.57 15.58 -4.85
N GLY A 63 -17.97 16.39 -3.88
CA GLY A 63 -18.03 15.93 -2.51
C GLY A 63 -16.83 16.37 -1.68
N PHE A 64 -15.68 16.63 -2.31
CA PHE A 64 -14.46 16.78 -1.50
C PHE A 64 -14.56 17.99 -0.57
N VAL A 65 -15.10 19.08 -1.12
CA VAL A 65 -15.13 20.36 -0.41
C VAL A 65 -16.19 20.31 0.69
N GLU A 66 -17.07 19.29 0.69
CA GLU A 66 -18.06 19.11 1.74
C GLU A 66 -17.53 18.25 2.89
N LEU A 67 -16.33 17.66 2.75
CA LEU A 67 -15.63 17.06 3.85
C LEU A 67 -15.21 18.17 4.83
N SER A 68 -14.89 17.75 6.04
CA SER A 68 -14.36 18.69 7.01
C SER A 68 -13.04 19.23 6.46
N LEU A 69 -12.72 20.47 6.85
CA LEU A 69 -11.42 21.02 6.46
C LEU A 69 -10.31 20.11 6.98
N PHE A 70 -10.42 19.62 8.20
CA PHE A 70 -9.46 18.70 8.77
C PHE A 70 -9.23 17.49 7.86
N ASP A 71 -10.33 16.91 7.39
CA ASP A 71 -10.23 15.72 6.55
C ASP A 71 -9.64 16.09 5.17
N GLN A 72 -10.03 17.23 4.60
CA GLN A 72 -9.45 17.69 3.35
C GLN A 72 -7.95 17.80 3.43
N VAL A 73 -7.48 18.48 4.50
CA VAL A 73 -6.05 18.66 4.78
C VAL A 73 -5.36 17.30 5.00
N ARG A 74 -5.89 16.41 5.83
CA ARG A 74 -5.21 15.15 6.13
C ARG A 74 -5.12 14.28 4.86
N LEU A 75 -6.15 14.29 4.00
CA LEU A 75 -6.06 13.44 2.78
C LEU A 75 -4.96 13.93 1.84
N LEU A 76 -4.86 15.24 1.65
CA LEU A 76 -3.86 15.81 0.79
C LEU A 76 -2.46 15.65 1.40
N GLU A 77 -2.32 15.89 2.71
CA GLU A 77 -1.04 15.67 3.37
C GLU A 77 -0.55 14.23 3.26
N SER A 78 -1.50 13.28 3.28
CA SER A 78 -1.17 11.86 3.32
CA SER A 78 -1.15 11.87 3.33
C SER A 78 -0.71 11.40 1.94
N SER A 79 -1.44 11.85 0.93
CA SER A 79 -1.47 11.24 -0.40
C SER A 79 -0.67 12.01 -1.46
N TRP A 80 -0.17 13.23 -1.20
CA TRP A 80 0.30 14.08 -2.28
C TRP A 80 1.41 13.45 -3.10
N MET A 81 2.38 12.77 -2.46
CA MET A 81 3.50 12.24 -3.24
C MET A 81 2.99 11.07 -4.11
N GLU A 82 2.05 10.30 -3.56
CA GLU A 82 1.44 9.21 -4.35
C GLU A 82 0.69 9.75 -5.56
N VAL A 83 -0.02 10.88 -5.38
CA VAL A 83 -0.76 11.53 -6.49
C VAL A 83 0.23 12.10 -7.52
N LEU A 84 1.30 12.74 -7.05
CA LEU A 84 2.33 13.20 -8.01
C LEU A 84 2.91 12.04 -8.82
N MET A 85 3.19 10.94 -8.14
CA MET A 85 3.83 9.82 -8.82
C MET A 85 2.84 9.14 -9.77
N MET A 86 1.57 9.03 -9.40
CA MET A 86 0.60 8.44 -10.33
C MET A 86 0.51 9.32 -11.59
N GLY A 87 0.47 10.67 -11.48
CA GLY A 87 0.47 11.55 -12.62
C GLY A 87 1.71 11.32 -13.49
N LEU A 88 2.88 11.24 -12.86
CA LEU A 88 4.12 11.04 -13.60
C LEU A 88 4.05 9.74 -14.41
N MET A 89 3.54 8.67 -13.80
CA MET A 89 3.45 7.39 -14.49
C MET A 89 2.54 7.51 -15.70
N TRP A 90 1.40 8.18 -15.59
CA TRP A 90 0.50 8.39 -16.70
C TRP A 90 1.19 9.20 -17.80
N ARG A 91 1.88 10.28 -17.45
CA ARG A 91 2.54 11.08 -18.49
C ARG A 91 3.63 10.27 -19.18
N SER A 92 4.20 9.28 -18.50
CA SER A 92 5.32 8.51 -19.01
C SER A 92 4.92 7.23 -19.77
N ILE A 93 3.65 6.88 -19.76
CA ILE A 93 3.24 5.53 -20.12
C ILE A 93 3.64 5.20 -21.55
N ASP A 94 3.53 6.19 -22.45
CA ASP A 94 3.84 5.96 -23.86
C ASP A 94 5.28 6.30 -24.21
N HIS A 95 6.19 6.46 -23.24
CA HIS A 95 7.56 6.88 -23.42
C HIS A 95 8.48 5.89 -22.69
N PRO A 96 8.62 4.65 -23.18
CA PRO A 96 9.51 3.69 -22.51
C PRO A 96 10.92 4.23 -22.23
N GLY A 97 11.47 3.90 -21.04
CA GLY A 97 12.79 4.34 -20.63
C GLY A 97 12.84 5.76 -20.05
N LYS A 98 11.72 6.50 -20.11
CA LYS A 98 11.78 7.92 -19.76
C LYS A 98 10.73 8.21 -18.68
N LEU A 99 11.06 9.20 -17.85
CA LEU A 99 10.10 9.79 -16.91
C LEU A 99 9.81 11.20 -17.36
N ILE A 100 8.57 11.43 -17.81
CA ILE A 100 8.15 12.68 -18.38
C ILE A 100 7.64 13.54 -17.23
N PHE A 101 8.59 14.08 -16.44
CA PHE A 101 8.23 14.99 -15.36
C PHE A 101 7.46 16.17 -15.92
N ALA A 102 7.99 16.76 -17.00
CA ALA A 102 7.36 17.85 -17.70
C ALA A 102 7.93 17.85 -19.11
N PRO A 103 7.34 18.57 -20.08
CA PRO A 103 7.96 18.69 -21.41
C PRO A 103 9.41 19.12 -21.43
N ASP A 104 9.78 19.98 -20.46
CA ASP A 104 11.14 20.48 -20.30
C ASP A 104 11.86 19.80 -19.13
N LEU A 105 11.32 18.69 -18.61
CA LEU A 105 12.05 17.86 -17.65
C LEU A 105 11.80 16.38 -17.96
N VAL A 106 12.50 15.88 -18.98
CA VAL A 106 12.44 14.48 -19.37
C VAL A 106 13.73 13.84 -18.90
N LEU A 107 13.62 12.91 -17.96
CA LEU A 107 14.74 12.28 -17.30
C LEU A 107 14.76 10.77 -17.53
N ASP A 108 15.95 10.19 -17.50
CA ASP A 108 16.12 8.77 -17.62
C ASP A 108 16.99 8.32 -16.45
N ARG A 109 17.23 7.02 -16.35
CA ARG A 109 17.89 6.49 -15.16
C ARG A 109 19.35 6.88 -15.14
N ASP A 110 19.93 7.20 -16.31
CA ASP A 110 21.28 7.72 -16.40
C ASP A 110 21.39 9.06 -15.66
N GLU A 111 20.40 9.96 -15.86
CA GLU A 111 20.37 11.25 -15.18
C GLU A 111 20.13 11.05 -13.68
N GLY A 112 19.39 9.99 -13.33
CA GLY A 112 19.10 9.63 -11.96
C GLY A 112 20.34 9.25 -11.16
N LYS A 113 21.27 8.57 -11.83
CA LYS A 113 22.54 8.15 -11.23
C LYS A 113 23.32 9.33 -10.66
N SER A 114 23.05 10.56 -11.10
CA SER A 114 23.84 11.74 -10.75
C SER A 114 23.62 12.19 -9.31
N VAL A 115 22.55 11.73 -8.64
CA VAL A 115 22.29 12.05 -7.24
C VAL A 115 22.09 10.77 -6.45
N GLU A 116 22.79 10.63 -5.32
CA GLU A 116 22.67 9.45 -4.49
C GLU A 116 21.22 9.25 -4.13
N GLY A 117 20.75 8.01 -4.33
CA GLY A 117 19.42 7.60 -3.93
C GLY A 117 18.36 7.80 -5.02
N ILE A 118 18.65 8.55 -6.09
CA ILE A 118 17.61 8.87 -7.06
C ILE A 118 17.44 7.71 -8.05
N LEU A 119 18.52 7.03 -8.44
CA LEU A 119 18.37 5.92 -9.40
C LEU A 119 17.36 4.87 -8.92
N GLU A 120 17.43 4.47 -7.64
CA GLU A 120 16.50 3.52 -7.06
C GLU A 120 15.07 3.96 -7.35
N ILE A 121 14.80 5.25 -7.09
CA ILE A 121 13.44 5.77 -7.20
C ILE A 121 13.05 5.72 -8.67
N PHE A 122 13.94 6.12 -9.54
CA PHE A 122 13.59 6.21 -10.94
C PHE A 122 13.31 4.80 -11.46
N ASP A 123 14.14 3.84 -11.04
CA ASP A 123 13.93 2.45 -11.43
C ASP A 123 12.55 1.95 -11.02
N MET A 124 12.12 2.26 -9.79
CA MET A 124 10.82 1.87 -9.30
C MET A 124 9.71 2.51 -10.13
N LEU A 125 9.88 3.79 -10.46
CA LEU A 125 8.85 4.50 -11.21
C LEU A 125 8.76 3.94 -12.62
N LEU A 126 9.93 3.71 -13.21
CA LEU A 126 9.96 3.14 -14.56
C LEU A 126 9.32 1.76 -14.59
N ALA A 127 9.62 0.91 -13.63
CA ALA A 127 9.09 -0.44 -13.63
C ALA A 127 7.57 -0.43 -13.44
N THR A 128 7.05 0.46 -12.56
CA THR A 128 5.62 0.48 -12.27
C THR A 128 4.89 1.03 -13.50
N THR A 129 5.48 2.05 -14.15
CA THR A 129 4.95 2.62 -15.39
C THR A 129 4.84 1.47 -16.40
N SER A 130 5.94 0.71 -16.49
CA SER A 130 5.99 -0.41 -17.44
C SER A 130 4.87 -1.41 -17.20
N ARG A 131 4.49 -1.65 -15.95
CA ARG A 131 3.37 -2.55 -15.61
C ARG A 131 2.04 -1.94 -16.07
N PHE A 132 1.87 -0.63 -15.86
CA PHE A 132 0.67 0.03 -16.36
C PHE A 132 0.61 -0.02 -17.88
N ARG A 133 1.76 0.15 -18.55
CA ARG A 133 1.82 0.11 -20.01
C ARG A 133 1.40 -1.29 -20.47
N GLU A 134 1.87 -2.32 -19.79
CA GLU A 134 1.55 -3.70 -20.18
C GLU A 134 0.06 -3.99 -20.00
N LEU A 135 -0.53 -3.46 -18.92
CA LEU A 135 -1.98 -3.56 -18.72
C LEU A 135 -2.77 -2.64 -19.65
N LYS A 136 -2.09 -1.84 -20.47
CA LYS A 136 -2.70 -0.84 -21.33
C LYS A 136 -3.71 0.01 -20.55
N LEU A 137 -3.20 0.62 -19.47
CA LEU A 137 -4.04 1.50 -18.67
C LEU A 137 -4.69 2.55 -19.55
N GLN A 138 -6.00 2.76 -19.37
CA GLN A 138 -6.78 3.74 -20.12
C GLN A 138 -6.88 5.06 -19.35
N HIS A 139 -7.07 6.16 -20.09
CA HIS A 139 -7.17 7.47 -19.43
C HIS A 139 -8.23 7.50 -18.33
N LYS A 140 -9.43 6.97 -18.56
CA LYS A 140 -10.50 7.09 -17.58
C LYS A 140 -10.21 6.19 -16.37
N GLU A 141 -9.48 5.10 -16.59
CA GLU A 141 -9.00 4.27 -15.48
C GLU A 141 -8.03 5.06 -14.61
N TYR A 142 -7.05 5.72 -15.23
CA TYR A 142 -6.12 6.60 -14.55
C TYR A 142 -6.90 7.65 -13.74
N LEU A 143 -7.88 8.32 -14.34
CA LEU A 143 -8.61 9.34 -13.59
C LEU A 143 -9.17 8.77 -12.30
N CYS A 144 -9.81 7.59 -12.39
CA CYS A 144 -10.43 7.03 -11.21
C CYS A 144 -9.36 6.61 -10.20
N VAL A 145 -8.29 5.96 -10.62
CA VAL A 145 -7.32 5.48 -9.66
C VAL A 145 -6.59 6.64 -8.99
N LYS A 146 -6.36 7.75 -9.72
CA LYS A 146 -5.68 8.87 -9.05
C LYS A 146 -6.56 9.43 -7.95
N ALA A 147 -7.88 9.54 -8.19
CA ALA A 147 -8.81 10.00 -7.18
C ALA A 147 -8.88 9.03 -6.02
N MET A 148 -8.92 7.74 -6.35
N MET A 148 -8.90 7.72 -6.33
CA MET A 148 -8.93 6.72 -5.33
CA MET A 148 -8.92 6.69 -5.30
C MET A 148 -7.70 6.82 -4.42
C MET A 148 -7.68 6.80 -4.41
N ILE A 149 -6.52 7.12 -4.96
CA ILE A 149 -5.29 7.26 -4.17
C ILE A 149 -5.52 8.33 -3.11
N LEU A 150 -6.02 9.48 -3.55
CA LEU A 150 -6.32 10.57 -2.60
C LEU A 150 -7.32 10.13 -1.54
N LEU A 151 -8.43 9.52 -1.93
CA LEU A 151 -9.56 9.28 -1.04
C LEU A 151 -9.35 8.09 -0.12
N ASN A 152 -8.45 7.17 -0.50
CA ASN A 152 -8.20 5.96 0.28
C ASN A 152 -6.94 6.11 1.12
N SER A 153 -6.44 7.33 1.26
CA SER A 153 -5.16 7.49 1.92
C SER A 153 -5.34 7.36 3.44
N SER A 154 -4.29 6.85 4.11
CA SER A 154 -4.27 6.56 5.55
C SER A 154 -5.38 7.26 6.33
N ASP A 166 -19.93 12.30 10.27
CA ASP A 166 -20.53 12.97 9.09
C ASP A 166 -19.52 13.09 7.94
N SER A 167 -18.38 13.72 8.23
CA SER A 167 -17.29 13.79 7.25
C SER A 167 -16.79 12.39 6.90
N SER A 168 -16.69 11.53 7.93
CA SER A 168 -16.28 10.14 7.78
C SER A 168 -17.18 9.40 6.78
N ARG A 169 -18.51 9.57 6.95
CA ARG A 169 -19.47 8.88 6.08
C ARG A 169 -19.44 9.47 4.67
N LYS A 170 -19.26 10.80 4.53
CA LYS A 170 -19.19 11.44 3.24
C LYS A 170 -17.96 10.92 2.50
N LEU A 171 -16.84 10.76 3.23
CA LEU A 171 -15.61 10.28 2.60
C LEU A 171 -15.85 8.85 2.09
N ALA A 172 -16.48 8.00 2.93
CA ALA A 172 -16.68 6.62 2.50
C ALA A 172 -17.59 6.55 1.28
N HIS A 173 -18.61 7.44 1.21
CA HIS A 173 -19.50 7.56 0.08
C HIS A 173 -18.73 7.98 -1.16
N LEU A 174 -17.86 8.99 -1.02
CA LEU A 174 -17.09 9.50 -2.15
C LEU A 174 -16.13 8.40 -2.68
N LEU A 175 -15.44 7.73 -1.79
CA LEU A 175 -14.54 6.66 -2.25
C LEU A 175 -15.34 5.55 -2.96
N ASN A 176 -16.51 5.20 -2.41
CA ASN A 176 -17.35 4.19 -3.05
C ASN A 176 -17.79 4.63 -4.45
N ALA A 177 -18.11 5.92 -4.61
CA ALA A 177 -18.55 6.47 -5.87
C ALA A 177 -17.45 6.39 -6.92
N VAL A 178 -16.22 6.72 -6.52
CA VAL A 178 -15.12 6.67 -7.44
C VAL A 178 -14.80 5.22 -7.81
N THR A 179 -14.92 4.34 -6.82
CA THR A 179 -14.71 2.91 -7.06
C THR A 179 -15.76 2.36 -8.05
N ASP A 180 -17.02 2.73 -7.86
CA ASP A 180 -18.07 2.39 -8.80
C ASP A 180 -17.77 2.89 -10.21
N ALA A 181 -17.24 4.11 -10.33
CA ALA A 181 -16.88 4.64 -11.62
C ALA A 181 -15.78 3.81 -12.27
N LEU A 182 -14.75 3.38 -11.52
CA LEU A 182 -13.72 2.55 -12.09
C LEU A 182 -14.33 1.24 -12.61
N VAL A 183 -15.20 0.63 -11.80
CA VAL A 183 -15.84 -0.61 -12.21
C VAL A 183 -16.59 -0.38 -13.54
N TRP A 184 -17.24 0.80 -13.65
CA TRP A 184 -17.98 1.12 -14.87
C TRP A 184 -17.06 1.30 -16.06
N VAL A 185 -15.93 2.04 -15.90
CA VAL A 185 -14.98 2.19 -16.97
C VAL A 185 -14.60 0.82 -17.51
N ILE A 186 -14.19 -0.08 -16.59
CA ILE A 186 -13.80 -1.41 -17.02
C ILE A 186 -14.96 -2.15 -17.73
N ALA A 187 -16.14 -2.08 -17.18
CA ALA A 187 -17.35 -2.64 -17.83
C ALA A 187 -17.53 -2.15 -19.27
N LYS A 188 -17.17 -0.90 -19.52
CA LYS A 188 -17.37 -0.33 -20.85
C LYS A 188 -16.38 -0.87 -21.89
N SER A 189 -15.33 -1.59 -21.46
CA SER A 189 -14.30 -2.11 -22.35
C SER A 189 -14.87 -3.31 -23.11
N GLY A 190 -15.97 -3.84 -22.60
CA GLY A 190 -16.66 -4.94 -23.26
C GLY A 190 -16.00 -6.29 -23.04
N ILE A 191 -14.85 -6.34 -22.30
CA ILE A 191 -14.18 -7.61 -22.07
C ILE A 191 -15.10 -8.47 -21.22
N SER A 192 -14.77 -9.77 -21.11
CA SER A 192 -15.59 -10.68 -20.36
C SER A 192 -15.70 -10.27 -18.87
N SER A 193 -16.79 -10.67 -18.24
CA SER A 193 -17.04 -10.44 -16.83
C SER A 193 -15.87 -10.95 -15.95
N GLN A 194 -15.41 -12.18 -16.21
CA GLN A 194 -14.21 -12.70 -15.58
C GLN A 194 -13.04 -11.71 -15.67
N GLN A 195 -12.80 -11.26 -16.92
CA GLN A 195 -11.63 -10.47 -17.30
C GLN A 195 -11.76 -9.08 -16.67
N GLN A 196 -13.01 -8.62 -16.44
CA GLN A 196 -13.24 -7.35 -15.78
C GLN A 196 -12.78 -7.42 -14.33
N SER A 197 -13.08 -8.53 -13.61
CA SER A 197 -12.69 -8.71 -12.24
C SER A 197 -11.15 -8.81 -12.17
N MET A 198 -10.54 -9.53 -13.10
CA MET A 198 -9.10 -9.69 -13.11
C MET A 198 -8.42 -8.34 -13.33
N ARG A 199 -9.00 -7.55 -14.22
CA ARG A 199 -8.39 -6.27 -14.60
C ARG A 199 -8.48 -5.34 -13.40
N LEU A 200 -9.64 -5.27 -12.76
CA LEU A 200 -9.83 -4.47 -11.56
C LEU A 200 -8.79 -4.80 -10.51
N ALA A 201 -8.63 -6.11 -10.22
CA ALA A 201 -7.64 -6.52 -9.26
C ALA A 201 -6.23 -6.14 -9.68
N ASN A 202 -5.90 -6.29 -10.96
CA ASN A 202 -4.54 -6.02 -11.41
C ASN A 202 -4.23 -4.53 -11.27
N LEU A 203 -5.22 -3.68 -11.58
CA LEU A 203 -4.99 -2.23 -11.44
C LEU A 203 -4.82 -1.89 -9.97
N LEU A 204 -5.73 -2.34 -9.13
CA LEU A 204 -5.68 -1.98 -7.71
C LEU A 204 -4.43 -2.52 -7.05
N MET A 205 -3.94 -3.67 -7.47
CA MET A 205 -2.75 -4.21 -6.81
C MET A 205 -1.54 -3.35 -7.16
N LEU A 206 -1.59 -2.63 -8.31
CA LEU A 206 -0.42 -1.84 -8.80
C LEU A 206 -0.27 -0.59 -7.98
N LEU A 207 -1.32 -0.23 -7.23
CA LEU A 207 -1.24 1.00 -6.48
C LEU A 207 -0.37 0.83 -5.24
N SER A 208 -0.25 -0.38 -4.63
CA SER A 208 0.68 -0.52 -3.51
C SER A 208 2.09 -0.32 -4.05
N HIS A 209 2.37 -0.52 -5.35
CA HIS A 209 3.66 -0.24 -5.98
C HIS A 209 3.89 1.27 -6.17
N VAL A 210 2.82 2.01 -6.51
CA VAL A 210 2.91 3.47 -6.58
C VAL A 210 3.19 4.02 -5.19
N ARG A 211 2.50 3.51 -4.18
CA ARG A 211 2.68 3.91 -2.81
C ARG A 211 4.08 3.59 -2.26
N HIS A 212 4.64 2.45 -2.61
CA HIS A 212 6.02 2.15 -2.24
C HIS A 212 6.97 3.19 -2.83
N ALA A 213 6.82 3.47 -4.12
CA ALA A 213 7.65 4.46 -4.77
C ALA A 213 7.53 5.81 -4.07
N SER A 214 6.31 6.14 -3.59
CA SER A 214 6.11 7.43 -2.95
C SER A 214 6.76 7.44 -1.56
N ASN A 215 6.78 6.29 -0.86
CA ASN A 215 7.45 6.16 0.43
C ASN A 215 8.95 6.37 0.26
N LYS A 216 9.53 5.79 -0.82
CA LYS A 216 10.95 5.95 -1.11
C LYS A 216 11.24 7.41 -1.46
N GLY A 217 10.38 8.03 -2.29
CA GLY A 217 10.60 9.42 -2.65
C GLY A 217 10.49 10.34 -1.45
N MET A 218 9.50 10.13 -0.61
CA MET A 218 9.30 10.98 0.56
C MET A 218 10.52 10.89 1.46
N GLU A 219 10.98 9.66 1.69
CA GLU A 219 12.18 9.42 2.51
C GLU A 219 13.34 10.20 1.95
N HIS A 220 13.55 10.11 0.64
CA HIS A 220 14.67 10.78 0.02
C HIS A 220 14.58 12.31 0.16
N LEU A 221 13.39 12.89 -0.13
CA LEU A 221 13.19 14.32 -0.02
C LEU A 221 13.30 14.80 1.43
N LEU A 222 12.79 14.05 2.41
CA LEU A 222 12.96 14.42 3.81
C LEU A 222 14.45 14.50 4.14
N ASN A 223 15.25 13.55 3.64
CA ASN A 223 16.69 13.57 3.94
C ASN A 223 17.33 14.78 3.27
N MET A 224 16.94 15.09 2.04
CA MET A 224 17.45 16.25 1.35
C MET A 224 17.09 17.53 2.14
N LYS A 225 15.85 17.63 2.65
CA LYS A 225 15.46 18.81 3.41
C LYS A 225 16.26 18.92 4.71
N SER A 226 16.52 17.79 5.38
CA SER A 226 17.20 17.81 6.68
C SER A 226 18.64 18.26 6.52
N LYS A 227 19.19 18.05 5.32
CA LYS A 227 20.53 18.49 4.99
C LYS A 227 20.58 19.90 4.38
N ASN A 228 19.44 20.55 4.06
CA ASN A 228 19.37 21.83 3.37
C ASN A 228 20.05 21.89 1.99
N VAL A 229 19.96 20.79 1.22
CA VAL A 229 20.63 20.53 -0.07
C VAL A 229 19.81 21.05 -1.25
N VAL A 230 18.49 21.13 -1.05
CA VAL A 230 17.55 21.52 -2.10
C VAL A 230 16.67 22.66 -1.58
N PRO A 231 16.27 23.60 -2.47
CA PRO A 231 15.61 24.85 -2.10
C PRO A 231 14.30 24.89 -1.30
N VAL A 232 14.09 26.07 -0.71
CA VAL A 232 12.97 26.38 0.17
C VAL A 232 11.77 26.81 -0.69
N TYR A 233 10.86 25.87 -0.98
CA TYR A 233 9.61 26.17 -1.65
C TYR A 233 8.48 25.97 -0.65
N ASP A 234 7.68 27.00 -0.36
CA ASP A 234 6.93 27.00 0.88
C ASP A 234 5.85 25.91 0.93
N LEU A 235 5.04 25.72 -0.13
CA LEU A 235 3.99 24.71 -0.07
C LEU A 235 4.58 23.30 0.02
N LEU A 236 5.57 23.02 -0.81
CA LEU A 236 6.26 21.75 -0.72
C LEU A 236 6.76 21.49 0.70
N LEU A 237 7.45 22.49 1.30
CA LEU A 237 7.93 22.30 2.67
C LEU A 237 6.82 22.01 3.69
N GLU A 238 5.69 22.72 3.58
CA GLU A 238 4.54 22.48 4.41
C GLU A 238 4.06 21.03 4.30
N MET A 239 3.99 20.54 3.06
N MET A 239 3.99 20.52 3.07
CA MET A 239 3.44 19.22 2.77
CA MET A 239 3.45 19.18 2.82
C MET A 239 4.43 18.12 3.16
C MET A 239 4.45 18.12 3.25
N LEU A 240 5.74 18.41 3.06
CA LEU A 240 6.79 17.50 3.52
C LEU A 240 6.74 17.40 5.06
N ASN A 241 6.62 18.57 5.72
CA ASN A 241 6.66 18.65 7.18
C ASN A 241 5.51 17.86 7.82
N ALA A 242 4.38 17.70 7.13
CA ALA A 242 3.35 16.81 7.67
C ALA A 242 3.87 15.39 7.90
N HIS A 243 4.99 15.00 7.26
CA HIS A 243 5.49 13.64 7.31
C HIS A 243 6.69 13.53 8.27
N LEU B 8 -4.57 -25.91 -8.68
CA LEU B 8 -4.79 -25.93 -10.15
C LEU B 8 -6.16 -25.32 -10.51
N SER B 9 -7.32 -25.89 -10.16
CA SER B 9 -8.58 -25.15 -10.24
C SER B 9 -8.56 -24.09 -9.14
N PRO B 10 -9.28 -22.97 -9.25
CA PRO B 10 -9.41 -22.07 -8.11
C PRO B 10 -9.84 -22.74 -6.80
N GLU B 11 -10.79 -23.68 -6.83
CA GLU B 11 -11.16 -24.41 -5.63
C GLU B 11 -9.95 -25.15 -5.05
N GLN B 12 -9.22 -25.87 -5.92
CA GLN B 12 -8.07 -26.60 -5.43
C GLN B 12 -6.98 -25.69 -4.86
N LEU B 13 -6.80 -24.50 -5.46
CA LEU B 13 -5.80 -23.59 -4.93
C LEU B 13 -6.25 -23.13 -3.54
N VAL B 14 -7.52 -22.73 -3.38
CA VAL B 14 -8.04 -22.34 -2.08
C VAL B 14 -7.86 -23.47 -1.06
N LEU B 15 -8.19 -24.72 -1.44
CA LEU B 15 -8.03 -25.81 -0.49
C LEU B 15 -6.56 -26.06 -0.12
N THR B 16 -5.63 -25.83 -1.05
CA THR B 16 -4.20 -25.89 -0.78
C THR B 16 -3.79 -24.81 0.22
N LEU B 17 -4.27 -23.58 0.00
CA LEU B 17 -3.98 -22.51 0.95
C LEU B 17 -4.55 -22.83 2.33
N LEU B 18 -5.76 -23.42 2.37
CA LEU B 18 -6.40 -23.73 3.64
C LEU B 18 -5.49 -24.70 4.41
N GLU B 19 -5.01 -25.73 3.71
CA GLU B 19 -4.22 -26.77 4.36
C GLU B 19 -2.90 -26.18 4.85
N ALA B 20 -2.37 -25.15 4.12
CA ALA B 20 -1.05 -24.57 4.30
C ALA B 20 -1.01 -23.58 5.47
N GLU B 21 -2.15 -23.23 6.01
CA GLU B 21 -2.25 -22.30 7.13
C GLU B 21 -1.34 -22.70 8.28
N PRO B 22 -0.50 -21.76 8.79
CA PRO B 22 0.38 -22.09 9.92
C PRO B 22 -0.41 -22.40 11.18
N PRO B 23 0.17 -23.23 12.06
CA PRO B 23 -0.38 -23.45 13.40
C PRO B 23 -0.30 -22.13 14.17
N HIS B 24 -1.15 -21.91 15.18
CA HIS B 24 -1.02 -20.69 15.97
C HIS B 24 0.19 -20.86 16.89
N VAL B 25 1.00 -19.83 17.01
CA VAL B 25 2.14 -19.83 17.88
C VAL B 25 1.66 -19.44 19.26
N LEU B 26 2.12 -20.25 20.23
CA LEU B 26 1.77 -20.06 21.63
C LEU B 26 2.88 -19.29 22.35
N ILE B 27 2.50 -18.15 22.86
CA ILE B 27 3.37 -17.37 23.72
C ILE B 27 2.52 -17.00 24.93
N SER B 28 3.13 -17.08 26.12
CA SER B 28 2.42 -16.68 27.34
C SER B 28 2.66 -15.19 27.62
N ARG B 29 1.59 -14.54 28.09
CA ARG B 29 1.63 -13.26 28.76
C ARG B 29 2.66 -13.36 29.89
N PRO B 30 3.47 -12.29 30.08
CA PRO B 30 4.33 -12.19 31.27
C PRO B 30 3.48 -12.25 32.53
N SER B 31 4.16 -12.71 33.59
CA SER B 31 3.56 -12.91 34.91
C SER B 31 3.21 -11.57 35.55
N ALA B 32 4.07 -10.60 35.32
CA ALA B 32 3.92 -9.26 35.86
C ALA B 32 3.25 -8.35 34.83
N PRO B 33 2.59 -7.23 35.22
CA PRO B 33 2.11 -6.27 34.24
C PRO B 33 3.24 -5.90 33.28
N PHE B 34 2.84 -5.57 32.04
CA PHE B 34 3.82 -5.36 30.99
C PHE B 34 4.73 -4.17 31.31
N THR B 35 6.01 -4.35 31.01
CA THR B 35 7.01 -3.29 30.91
C THR B 35 7.34 -3.08 29.42
N GLU B 36 8.07 -1.99 29.12
CA GLU B 36 8.59 -1.82 27.76
C GLU B 36 9.37 -3.07 27.33
N ALA B 37 10.26 -3.56 28.20
CA ALA B 37 11.07 -4.73 27.91
C ALA B 37 10.24 -5.99 27.69
N SER B 38 9.25 -6.24 28.57
CA SER B 38 8.51 -7.47 28.49
C SER B 38 7.54 -7.50 27.33
N MET B 39 6.99 -6.35 26.97
N MET B 39 6.97 -6.36 26.96
CA MET B 39 6.12 -6.22 25.81
CA MET B 39 6.10 -6.30 25.80
C MET B 39 6.95 -6.45 24.57
C MET B 39 6.97 -6.48 24.57
N MET B 40 8.09 -5.78 24.50
CA MET B 40 8.97 -5.94 23.33
C MET B 40 9.47 -7.36 23.18
N MET B 41 9.86 -8.01 24.27
CA MET B 41 10.30 -9.39 24.23
C MET B 41 9.15 -10.28 23.72
N SER B 42 7.93 -10.08 24.23
CA SER B 42 6.81 -10.96 23.89
C SER B 42 6.54 -10.85 22.39
N LEU B 43 6.47 -9.61 21.88
CA LEU B 43 6.06 -9.42 20.49
C LEU B 43 7.15 -9.86 19.51
N THR B 44 8.42 -9.62 19.85
CA THR B 44 9.52 -10.02 18.97
C THR B 44 9.73 -11.54 19.01
N LYS B 45 9.61 -12.19 20.20
CA LYS B 45 9.70 -13.63 20.26
C LYS B 45 8.60 -14.22 19.38
N LEU B 46 7.40 -13.68 19.46
CA LEU B 46 6.30 -14.20 18.68
C LEU B 46 6.63 -14.04 17.19
N ALA B 47 7.08 -12.83 16.83
CA ALA B 47 7.36 -12.57 15.41
C ALA B 47 8.39 -13.54 14.90
N ASP B 48 9.44 -13.82 15.70
CA ASP B 48 10.49 -14.71 15.25
C ASP B 48 9.96 -16.12 15.00
N LYS B 49 9.09 -16.61 15.90
CA LYS B 49 8.54 -17.94 15.77
C LYS B 49 7.58 -17.97 14.58
N GLU B 50 6.78 -16.92 14.39
CA GLU B 50 5.86 -16.88 13.26
C GLU B 50 6.59 -16.78 11.92
N LEU B 51 7.77 -16.14 11.90
CA LEU B 51 8.53 -16.06 10.63
C LEU B 51 8.98 -17.45 10.20
N VAL B 52 9.38 -18.30 11.18
CA VAL B 52 9.76 -19.67 10.80
C VAL B 52 8.58 -20.32 10.08
N HIS B 53 7.38 -20.23 10.66
CA HIS B 53 6.19 -20.84 10.14
C HIS B 53 5.78 -20.18 8.81
N MET B 54 6.06 -18.89 8.63
CA MET B 54 5.71 -18.17 7.40
C MET B 54 6.49 -18.74 6.21
N ILE B 55 7.76 -19.06 6.48
CA ILE B 55 8.59 -19.59 5.40
C ILE B 55 8.02 -20.93 4.93
N SER B 56 7.66 -21.82 5.89
CA SER B 56 7.02 -23.08 5.56
C SER B 56 5.72 -22.88 4.79
N TRP B 57 4.92 -21.90 5.21
CA TRP B 57 3.67 -21.58 4.55
C TRP B 57 3.96 -21.18 3.10
N ALA B 58 4.90 -20.25 2.88
CA ALA B 58 5.14 -19.77 1.54
C ALA B 58 5.53 -20.90 0.61
N LYS B 59 6.32 -21.83 1.12
CA LYS B 59 6.75 -22.96 0.29
C LYS B 59 5.60 -23.90 -0.08
N LYS B 60 4.48 -23.86 0.64
CA LYS B 60 3.29 -24.61 0.30
C LYS B 60 2.36 -23.90 -0.70
N ILE B 61 2.62 -22.65 -1.03
CA ILE B 61 1.82 -21.97 -2.04
C ILE B 61 2.22 -22.57 -3.38
N PRO B 62 1.31 -23.22 -4.12
CA PRO B 62 1.69 -23.87 -5.38
C PRO B 62 2.45 -22.91 -6.27
N GLY B 63 3.61 -23.35 -6.75
CA GLY B 63 4.38 -22.50 -7.63
C GLY B 63 5.50 -21.75 -6.94
N PHE B 64 5.38 -21.46 -5.64
CA PHE B 64 6.33 -20.54 -5.05
C PHE B 64 7.77 -21.06 -5.14
N VAL B 65 7.93 -22.36 -4.87
CA VAL B 65 9.26 -22.93 -4.80
C VAL B 65 9.88 -22.99 -6.18
N GLU B 66 9.07 -22.84 -7.23
CA GLU B 66 9.62 -22.82 -8.59
C GLU B 66 10.13 -21.42 -9.01
N LEU B 67 9.89 -20.34 -8.24
CA LEU B 67 10.52 -19.07 -8.47
C LEU B 67 12.01 -19.16 -8.17
N SER B 68 12.78 -18.25 -8.77
CA SER B 68 14.16 -18.03 -8.39
C SER B 68 14.28 -17.96 -6.86
N LEU B 69 15.28 -18.59 -6.24
CA LEU B 69 15.53 -18.43 -4.81
C LEU B 69 15.62 -16.93 -4.46
N PHE B 70 16.26 -16.10 -5.29
CA PHE B 70 16.42 -14.69 -5.03
C PHE B 70 15.05 -13.97 -5.01
N ASP B 71 14.14 -14.38 -5.88
CA ASP B 71 12.75 -13.90 -5.86
C ASP B 71 12.04 -14.36 -4.58
N GLN B 72 12.21 -15.62 -4.16
CA GLN B 72 11.54 -16.08 -2.94
C GLN B 72 12.00 -15.25 -1.76
N VAL B 73 13.30 -14.99 -1.68
CA VAL B 73 13.92 -14.19 -0.63
C VAL B 73 13.36 -12.76 -0.65
N ARG B 74 13.39 -12.10 -1.81
CA ARG B 74 12.94 -10.71 -1.95
C ARG B 74 11.47 -10.59 -1.50
N LEU B 75 10.64 -11.51 -1.95
CA LEU B 75 9.20 -11.43 -1.60
C LEU B 75 9.03 -11.52 -0.08
N LEU B 76 9.69 -12.51 0.57
CA LEU B 76 9.53 -12.66 2.01
C LEU B 76 10.11 -11.47 2.75
N GLU B 77 11.31 -11.00 2.35
CA GLU B 77 11.91 -9.84 2.97
C GLU B 77 11.03 -8.61 2.82
N SER B 78 10.33 -8.48 1.68
CA SER B 78 9.50 -7.31 1.38
C SER B 78 8.23 -7.31 2.23
N SER B 79 7.63 -8.49 2.36
CA SER B 79 6.23 -8.63 2.78
C SER B 79 6.02 -9.14 4.21
N TRP B 80 7.06 -9.60 4.87
CA TRP B 80 6.83 -10.37 6.10
C TRP B 80 6.02 -9.65 7.16
N MET B 81 6.26 -8.34 7.39
CA MET B 81 5.49 -7.69 8.46
C MET B 81 4.05 -7.49 8.03
N GLU B 82 3.81 -7.24 6.74
CA GLU B 82 2.44 -7.19 6.23
C GLU B 82 1.71 -8.53 6.42
N VAL B 83 2.40 -9.64 6.13
CA VAL B 83 1.80 -10.95 6.27
C VAL B 83 1.51 -11.19 7.76
N LEU B 84 2.46 -10.88 8.63
CA LEU B 84 2.21 -11.03 10.07
C LEU B 84 1.01 -10.20 10.49
N MET B 85 0.95 -8.96 10.05
CA MET B 85 -0.16 -8.10 10.44
C MET B 85 -1.48 -8.58 9.86
N MET B 86 -1.51 -9.07 8.61
CA MET B 86 -2.77 -9.59 8.07
C MET B 86 -3.22 -10.77 8.95
N GLY B 87 -2.32 -11.66 9.32
CA GLY B 87 -2.67 -12.78 10.20
C GLY B 87 -3.23 -12.31 11.53
N LEU B 88 -2.59 -11.32 12.12
CA LEU B 88 -3.01 -10.74 13.39
C LEU B 88 -4.43 -10.22 13.26
N MET B 89 -4.70 -9.44 12.19
CA MET B 89 -6.04 -8.87 11.98
C MET B 89 -7.07 -9.98 11.87
N TRP B 90 -6.79 -11.07 11.15
CA TRP B 90 -7.69 -12.18 11.02
C TRP B 90 -7.96 -12.86 12.37
N ARG B 91 -6.88 -13.10 13.16
CA ARG B 91 -7.06 -13.71 14.48
C ARG B 91 -7.94 -12.83 15.36
N SER B 92 -7.95 -11.54 15.08
CA SER B 92 -8.58 -10.54 15.93
C SER B 92 -10.01 -10.25 15.48
N ILE B 93 -10.46 -10.76 14.34
CA ILE B 93 -11.67 -10.25 13.77
C ILE B 93 -12.88 -10.71 14.63
N ASP B 94 -12.75 -11.85 15.36
CA ASP B 94 -13.82 -12.43 16.19
C ASP B 94 -13.74 -11.91 17.63
N HIS B 95 -12.84 -10.96 17.90
CA HIS B 95 -12.66 -10.46 19.26
C HIS B 95 -12.54 -8.94 19.22
N PRO B 96 -13.65 -8.19 18.93
CA PRO B 96 -13.61 -6.73 18.82
C PRO B 96 -13.00 -6.02 20.05
N GLY B 97 -12.19 -4.98 19.80
CA GLY B 97 -11.42 -4.26 20.80
C GLY B 97 -10.07 -4.88 21.14
N LYS B 98 -9.81 -6.13 20.71
CA LYS B 98 -8.60 -6.84 21.12
C LYS B 98 -7.70 -7.12 19.90
N LEU B 99 -6.39 -7.14 20.14
CA LEU B 99 -5.42 -7.70 19.20
C LEU B 99 -4.98 -9.04 19.74
N ILE B 100 -5.37 -10.10 19.03
CA ILE B 100 -5.11 -11.46 19.45
C ILE B 100 -3.78 -11.89 18.85
N PHE B 101 -2.69 -11.45 19.47
CA PHE B 101 -1.35 -11.80 19.00
C PHE B 101 -1.13 -13.29 19.10
N ALA B 102 -1.62 -13.89 20.20
CA ALA B 102 -1.59 -15.34 20.43
C ALA B 102 -2.74 -15.64 21.37
N PRO B 103 -3.17 -16.92 21.56
CA PRO B 103 -4.23 -17.25 22.52
C PRO B 103 -4.05 -16.68 23.93
N ASP B 104 -2.82 -16.67 24.48
CA ASP B 104 -2.57 -16.08 25.79
C ASP B 104 -1.89 -14.71 25.71
N LEU B 105 -1.85 -14.11 24.50
CA LEU B 105 -1.31 -12.78 24.31
C LEU B 105 -2.37 -11.90 23.65
N VAL B 106 -3.36 -11.49 24.45
CA VAL B 106 -4.53 -10.74 24.02
C VAL B 106 -4.41 -9.31 24.53
N LEU B 107 -4.07 -8.41 23.61
CA LEU B 107 -3.69 -7.07 24.01
C LEU B 107 -4.75 -6.06 23.63
N ASP B 108 -4.74 -4.99 24.43
CA ASP B 108 -5.71 -3.92 24.40
C ASP B 108 -4.98 -2.69 23.91
N ARG B 109 -5.76 -1.83 23.27
CA ARG B 109 -5.30 -0.57 22.75
C ARG B 109 -4.42 0.08 23.82
N ASP B 110 -4.85 -0.06 25.08
CA ASP B 110 -4.27 0.62 26.23
C ASP B 110 -2.98 -0.05 26.73
N GLU B 111 -2.83 -1.37 26.56
CA GLU B 111 -1.59 -2.05 26.92
C GLU B 111 -0.44 -1.65 26.02
N GLY B 112 -0.79 -1.05 24.88
CA GLY B 112 0.17 -0.39 24.01
C GLY B 112 0.98 0.69 24.75
N LYS B 113 0.42 1.22 25.85
CA LYS B 113 1.07 2.28 26.62
C LYS B 113 2.44 1.84 27.16
N SER B 114 2.67 0.53 27.27
CA SER B 114 3.90 0.02 27.86
C SER B 114 5.13 0.34 26.99
N VAL B 115 4.96 0.52 25.67
CA VAL B 115 6.06 0.80 24.76
C VAL B 115 5.79 2.11 24.03
N GLU B 116 6.71 3.08 24.13
CA GLU B 116 6.56 4.36 23.47
C GLU B 116 6.37 4.17 21.96
N GLY B 117 5.29 4.76 21.41
CA GLY B 117 5.05 4.74 19.98
C GLY B 117 4.26 3.52 19.48
N ILE B 118 4.02 2.51 20.33
CA ILE B 118 3.38 1.29 19.82
C ILE B 118 1.86 1.41 19.86
N LEU B 119 1.31 2.32 20.68
CA LEU B 119 -0.13 2.52 20.74
C LEU B 119 -0.67 2.99 19.39
N GLU B 120 0.10 3.81 18.66
CA GLU B 120 -0.29 4.26 17.33
C GLU B 120 -0.44 3.06 16.39
N ILE B 121 0.49 2.09 16.49
CA ILE B 121 0.49 0.90 15.65
C ILE B 121 -0.73 0.07 16.00
N PHE B 122 -1.00 -0.12 17.30
CA PHE B 122 -2.14 -0.89 17.75
C PHE B 122 -3.45 -0.25 17.29
N ASP B 123 -3.52 1.09 17.33
CA ASP B 123 -4.73 1.77 16.87
C ASP B 123 -4.99 1.53 15.39
N MET B 124 -3.95 1.59 14.55
CA MET B 124 -4.05 1.35 13.12
C MET B 124 -4.52 -0.10 12.86
N LEU B 125 -3.90 -1.04 13.57
CA LEU B 125 -4.28 -2.45 13.38
C LEU B 125 -5.73 -2.67 13.82
N LEU B 126 -6.16 -2.06 14.90
CA LEU B 126 -7.55 -2.21 15.38
C LEU B 126 -8.55 -1.60 14.41
N ALA B 127 -8.19 -0.46 13.86
CA ALA B 127 -9.04 0.24 12.90
C ALA B 127 -9.16 -0.58 11.61
N THR B 128 -8.05 -1.11 11.08
CA THR B 128 -8.08 -1.86 9.82
C THR B 128 -8.84 -3.17 10.05
N THR B 129 -8.64 -3.79 11.21
CA THR B 129 -9.38 -4.99 11.55
C THR B 129 -10.87 -4.66 11.54
N SER B 130 -11.24 -3.50 12.09
CA SER B 130 -12.65 -3.12 12.12
C SER B 130 -13.21 -2.96 10.69
N ARG B 131 -12.40 -2.47 9.73
CA ARG B 131 -12.84 -2.38 8.33
C ARG B 131 -13.10 -3.79 7.77
N PHE B 132 -12.22 -4.74 8.04
CA PHE B 132 -12.42 -6.08 7.56
C PHE B 132 -13.66 -6.74 8.20
N ARG B 133 -13.91 -6.41 9.47
CA ARG B 133 -15.06 -6.92 10.20
C ARG B 133 -16.36 -6.40 9.58
N GLU B 134 -16.39 -5.11 9.22
CA GLU B 134 -17.58 -4.49 8.64
C GLU B 134 -17.84 -5.05 7.23
N LEU B 135 -16.75 -5.38 6.51
CA LEU B 135 -16.86 -6.03 5.22
C LEU B 135 -17.23 -7.50 5.35
N LYS B 136 -17.26 -8.05 6.57
CA LYS B 136 -17.55 -9.44 6.84
C LYS B 136 -16.61 -10.33 6.00
N LEU B 137 -15.30 -10.00 6.09
CA LEU B 137 -14.27 -10.84 5.48
C LEU B 137 -14.45 -12.31 5.84
N GLN B 138 -14.39 -13.19 4.84
CA GLN B 138 -14.59 -14.62 4.99
C GLN B 138 -13.24 -15.32 5.00
N HIS B 139 -13.20 -16.49 5.66
CA HIS B 139 -11.98 -17.23 5.77
C HIS B 139 -11.29 -17.47 4.41
N LYS B 140 -12.03 -17.93 3.41
CA LYS B 140 -11.39 -18.26 2.14
C LYS B 140 -10.95 -16.99 1.39
N GLU B 141 -11.59 -15.85 1.66
CA GLU B 141 -11.13 -14.56 1.12
C GLU B 141 -9.80 -14.18 1.77
N TYR B 142 -9.73 -14.29 3.11
CA TYR B 142 -8.51 -14.02 3.86
C TYR B 142 -7.33 -14.85 3.32
N LEU B 143 -7.57 -16.12 3.07
CA LEU B 143 -6.49 -16.98 2.59
C LEU B 143 -5.89 -16.42 1.29
N CYS B 144 -6.79 -16.04 0.37
CA CYS B 144 -6.31 -15.53 -0.91
C CYS B 144 -5.60 -14.20 -0.70
N VAL B 145 -6.19 -13.30 0.10
CA VAL B 145 -5.60 -11.98 0.29
C VAL B 145 -4.21 -12.08 0.93
N LYS B 146 -4.04 -12.99 1.91
CA LYS B 146 -2.74 -13.10 2.55
C LYS B 146 -1.67 -13.58 1.55
N ALA B 147 -2.05 -14.52 0.68
CA ALA B 147 -1.13 -14.96 -0.36
C ALA B 147 -0.81 -13.84 -1.34
N MET B 148 -1.84 -13.08 -1.72
CA MET B 148 -1.64 -11.91 -2.60
C MET B 148 -0.68 -10.89 -1.99
N ILE B 149 -0.73 -10.62 -0.70
CA ILE B 149 0.20 -9.73 -0.02
C ILE B 149 1.63 -10.16 -0.27
N LEU B 150 1.91 -11.44 -0.12
CA LEU B 150 3.25 -11.96 -0.36
C LEU B 150 3.64 -11.77 -1.81
N LEU B 151 2.79 -12.23 -2.71
CA LEU B 151 3.15 -12.38 -4.12
C LEU B 151 3.20 -11.02 -4.81
N ASN B 152 2.52 -10.01 -4.24
CA ASN B 152 2.46 -8.66 -4.85
C ASN B 152 3.47 -7.70 -4.24
N SER B 153 4.39 -8.22 -3.44
CA SER B 153 5.23 -7.32 -2.64
C SER B 153 6.46 -6.86 -3.40
N SER B 154 6.71 -7.40 -4.58
CA SER B 154 8.03 -7.29 -5.19
C SER B 154 8.24 -5.89 -5.79
N ASP B 166 11.33 -18.66 -16.61
CA ASP B 166 11.71 -17.30 -16.15
C ASP B 166 10.87 -16.93 -14.91
N SER B 167 11.56 -16.47 -13.87
CA SER B 167 10.96 -16.28 -12.56
C SER B 167 9.92 -15.15 -12.57
N SER B 168 10.19 -14.05 -13.28
CA SER B 168 9.27 -12.91 -13.32
C SER B 168 7.91 -13.31 -13.90
N ARG B 169 7.92 -14.07 -15.00
CA ARG B 169 6.69 -14.55 -15.61
C ARG B 169 5.94 -15.49 -14.67
N LYS B 170 6.67 -16.40 -14.02
CA LYS B 170 6.11 -17.39 -13.12
C LYS B 170 5.41 -16.65 -12.00
N LEU B 171 6.04 -15.57 -11.51
CA LEU B 171 5.46 -14.78 -10.39
C LEU B 171 4.15 -14.12 -10.80
N ALA B 172 4.12 -13.49 -12.00
CA ALA B 172 2.90 -12.93 -12.55
C ALA B 172 1.79 -13.98 -12.65
N HIS B 173 2.16 -15.17 -13.12
CA HIS B 173 1.24 -16.28 -13.24
C HIS B 173 0.70 -16.71 -11.88
N LEU B 174 1.58 -16.78 -10.88
CA LEU B 174 1.15 -17.23 -9.54
C LEU B 174 0.22 -16.17 -8.93
N LEU B 175 0.55 -14.90 -9.10
CA LEU B 175 -0.30 -13.85 -8.55
C LEU B 175 -1.67 -13.84 -9.24
N ASN B 176 -1.70 -14.03 -10.56
N ASN B 176 -1.66 -14.04 -10.56
CA ASN B 176 -2.97 -14.16 -11.29
CA ASN B 176 -2.88 -14.20 -11.35
C ASN B 176 -3.78 -15.36 -10.81
C ASN B 176 -3.74 -15.35 -10.83
N ALA B 177 -3.13 -16.49 -10.49
CA ALA B 177 -3.87 -17.66 -10.05
C ALA B 177 -4.56 -17.40 -8.73
N VAL B 178 -3.84 -16.76 -7.81
CA VAL B 178 -4.43 -16.45 -6.52
C VAL B 178 -5.55 -15.42 -6.67
N THR B 179 -5.35 -14.44 -7.57
CA THR B 179 -6.37 -13.44 -7.80
C THR B 179 -7.63 -14.11 -8.34
N ASP B 180 -7.46 -15.02 -9.30
CA ASP B 180 -8.55 -15.78 -9.86
C ASP B 180 -9.31 -16.58 -8.79
N ALA B 181 -8.57 -17.12 -7.81
CA ALA B 181 -9.17 -17.82 -6.70
C ALA B 181 -10.04 -16.88 -5.85
N LEU B 182 -9.52 -15.67 -5.54
CA LEU B 182 -10.34 -14.74 -4.76
C LEU B 182 -11.61 -14.40 -5.56
N VAL B 183 -11.48 -14.16 -6.86
CA VAL B 183 -12.63 -13.86 -7.71
C VAL B 183 -13.65 -14.99 -7.65
N TRP B 184 -13.14 -16.23 -7.68
CA TRP B 184 -14.00 -17.41 -7.57
C TRP B 184 -14.70 -17.45 -6.20
N VAL B 185 -13.97 -17.24 -5.10
CA VAL B 185 -14.55 -17.21 -3.76
C VAL B 185 -15.68 -16.18 -3.66
N ILE B 186 -15.43 -14.98 -4.16
CA ILE B 186 -16.45 -13.95 -4.09
C ILE B 186 -17.68 -14.37 -4.91
N ALA B 187 -17.46 -14.97 -6.07
CA ALA B 187 -18.56 -15.38 -6.94
C ALA B 187 -19.44 -16.46 -6.29
N LYS B 188 -18.85 -17.30 -5.42
CA LYS B 188 -19.61 -18.36 -4.76
C LYS B 188 -20.61 -17.76 -3.78
N SER B 189 -20.43 -16.48 -3.39
CA SER B 189 -21.33 -15.81 -2.48
C SER B 189 -22.68 -15.50 -3.13
N GLY B 190 -22.72 -15.50 -4.47
CA GLY B 190 -23.96 -15.39 -5.24
C GLY B 190 -24.49 -13.98 -5.44
N ILE B 191 -23.74 -12.95 -5.00
CA ILE B 191 -24.11 -11.56 -5.22
C ILE B 191 -23.97 -11.22 -6.70
N SER B 192 -24.52 -10.05 -7.10
CA SER B 192 -24.54 -9.60 -8.48
C SER B 192 -23.10 -9.37 -8.97
N SER B 193 -22.90 -9.45 -10.28
CA SER B 193 -21.63 -9.16 -10.91
C SER B 193 -21.08 -7.82 -10.41
N GLN B 194 -21.91 -6.76 -10.44
CA GLN B 194 -21.42 -5.45 -10.04
C GLN B 194 -20.99 -5.45 -8.57
N GLN B 195 -21.75 -6.14 -7.70
CA GLN B 195 -21.45 -6.21 -6.28
C GLN B 195 -20.22 -7.09 -6.03
N GLN B 196 -19.97 -8.05 -6.93
CA GLN B 196 -18.77 -8.84 -6.79
C GLN B 196 -17.55 -7.96 -7.06
N SER B 197 -17.64 -7.11 -8.09
CA SER B 197 -16.55 -6.20 -8.41
C SER B 197 -16.32 -5.19 -7.29
N MET B 198 -17.41 -4.63 -6.73
CA MET B 198 -17.24 -3.69 -5.63
C MET B 198 -16.58 -4.36 -4.42
N ARG B 199 -16.95 -5.62 -4.16
CA ARG B 199 -16.40 -6.33 -3.00
C ARG B 199 -14.92 -6.62 -3.20
N LEU B 200 -14.53 -7.01 -4.40
CA LEU B 200 -13.12 -7.24 -4.69
C LEU B 200 -12.35 -5.92 -4.49
N ALA B 201 -12.91 -4.81 -5.02
CA ALA B 201 -12.21 -3.55 -4.90
C ALA B 201 -12.12 -3.14 -3.44
N ASN B 202 -13.20 -3.30 -2.65
CA ASN B 202 -13.17 -2.89 -1.24
C ASN B 202 -12.13 -3.70 -0.46
N LEU B 203 -11.99 -5.00 -0.74
CA LEU B 203 -10.97 -5.82 -0.08
C LEU B 203 -9.58 -5.34 -0.47
N LEU B 204 -9.33 -5.19 -1.77
CA LEU B 204 -7.99 -4.86 -2.21
C LEU B 204 -7.57 -3.44 -1.84
N MET B 205 -8.52 -2.54 -1.64
CA MET B 205 -8.17 -1.18 -1.21
C MET B 205 -7.70 -1.13 0.23
N LEU B 206 -8.00 -2.18 0.99
CA LEU B 206 -7.40 -2.33 2.33
C LEU B 206 -5.93 -2.81 2.30
N LEU B 207 -5.40 -3.35 1.19
CA LEU B 207 -4.00 -3.79 1.10
C LEU B 207 -3.04 -2.63 1.38
N SER B 208 -3.40 -1.42 0.94
CA SER B 208 -2.57 -0.28 1.31
C SER B 208 -2.73 0.09 2.81
N HIS B 209 -3.82 -0.20 3.51
CA HIS B 209 -3.97 0.13 4.94
C HIS B 209 -3.17 -0.85 5.81
N VAL B 210 -3.24 -2.15 5.48
CA VAL B 210 -2.34 -3.14 6.09
C VAL B 210 -0.88 -2.75 5.85
N ARG B 211 -0.52 -2.35 4.63
CA ARG B 211 0.83 -2.02 4.26
C ARG B 211 1.31 -0.78 5.04
N HIS B 212 0.41 0.19 5.22
CA HIS B 212 0.75 1.37 6.01
C HIS B 212 1.16 0.98 7.43
N ALA B 213 0.29 0.18 8.09
CA ALA B 213 0.56 -0.35 9.41
C ALA B 213 1.92 -1.07 9.39
N SER B 214 2.24 -1.88 8.36
CA SER B 214 3.51 -2.59 8.25
C SER B 214 4.67 -1.59 8.27
N ASN B 215 4.55 -0.58 7.42
CA ASN B 215 5.60 0.43 7.29
C ASN B 215 5.81 1.07 8.67
N LYS B 216 4.74 1.43 9.37
CA LYS B 216 4.91 2.08 10.67
C LYS B 216 5.47 1.09 11.69
N GLY B 217 5.04 -0.17 11.65
CA GLY B 217 5.61 -1.17 12.54
C GLY B 217 7.09 -1.46 12.32
N MET B 218 7.51 -1.51 11.07
CA MET B 218 8.90 -1.76 10.72
C MET B 218 9.78 -0.59 11.18
N GLU B 219 9.28 0.62 10.98
CA GLU B 219 10.01 1.81 11.44
C GLU B 219 10.19 1.76 12.95
N HIS B 220 9.10 1.43 13.64
CA HIS B 220 9.13 1.35 15.09
C HIS B 220 10.12 0.30 15.56
N LEU B 221 10.07 -0.93 14.98
CA LEU B 221 10.96 -1.98 15.40
C LEU B 221 12.43 -1.63 15.12
N LEU B 222 12.71 -0.99 14.00
CA LEU B 222 14.07 -0.57 13.71
C LEU B 222 14.54 0.41 14.78
N ASN B 223 13.68 1.35 15.18
CA ASN B 223 14.04 2.32 16.20
C ASN B 223 14.29 1.61 17.53
N MET B 224 13.45 0.61 17.86
CA MET B 224 13.64 -0.14 19.09
C MET B 224 14.97 -0.89 19.08
N LYS B 225 15.39 -1.43 17.93
CA LYS B 225 16.64 -2.15 17.78
C LYS B 225 17.76 -1.16 18.08
N SER B 226 17.62 0.10 17.62
CA SER B 226 18.59 1.14 17.94
C SER B 226 18.72 1.41 19.44
N LYS B 227 17.58 1.40 20.15
CA LYS B 227 17.47 1.80 21.53
C LYS B 227 17.90 0.65 22.45
N ASN B 228 18.30 -0.48 21.85
CA ASN B 228 18.82 -1.64 22.55
C ASN B 228 17.76 -2.46 23.30
N VAL B 229 16.49 -2.50 22.83
CA VAL B 229 15.44 -3.24 23.53
C VAL B 229 15.05 -4.53 22.79
N VAL B 230 15.62 -4.82 21.61
CA VAL B 230 15.17 -5.98 20.83
C VAL B 230 16.08 -7.18 21.15
N PRO B 231 15.54 -8.32 21.65
CA PRO B 231 16.38 -9.50 21.92
C PRO B 231 17.09 -10.06 20.69
N VAL B 232 18.10 -10.91 20.94
CA VAL B 232 18.83 -11.59 19.88
C VAL B 232 17.97 -12.73 19.36
N TYR B 233 17.02 -12.41 18.47
CA TYR B 233 16.30 -13.41 17.68
C TYR B 233 16.82 -13.30 16.24
N ASP B 234 17.54 -14.36 15.83
CA ASP B 234 18.34 -14.42 14.61
C ASP B 234 17.51 -14.14 13.36
N LEU B 235 16.44 -14.92 13.14
CA LEU B 235 15.66 -14.75 11.91
C LEU B 235 15.02 -13.36 11.85
N LEU B 236 14.38 -12.92 12.94
CA LEU B 236 13.78 -11.59 12.94
C LEU B 236 14.79 -10.49 12.56
N LEU B 237 15.98 -10.52 13.15
CA LEU B 237 16.95 -9.45 12.93
C LEU B 237 17.39 -9.48 11.47
N GLU B 238 17.55 -10.68 10.89
CA GLU B 238 17.89 -10.80 9.50
C GLU B 238 16.85 -10.17 8.59
N MET B 239 15.57 -10.45 8.88
CA MET B 239 14.45 -9.95 8.12
C MET B 239 14.27 -8.44 8.31
N LEU B 240 14.48 -7.92 9.54
CA LEU B 240 14.42 -6.49 9.81
C LEU B 240 15.49 -5.76 8.99
N ASN B 241 16.72 -6.28 9.00
CA ASN B 241 17.85 -5.61 8.35
C ASN B 241 17.68 -5.61 6.84
N ALA B 242 16.93 -6.56 6.28
CA ALA B 242 16.21 -6.37 5.02
C ALA B 242 15.90 -7.75 4.42
CA SER C 3 2.90 28.66 6.83
C SER C 3 1.64 27.78 6.77
N HIS C 4 0.52 28.35 6.28
CA HIS C 4 -0.76 27.68 6.17
C HIS C 4 -1.28 27.78 4.72
N LYS C 5 -0.36 27.50 3.77
CA LYS C 5 -0.68 27.74 2.38
C LYS C 5 -1.69 26.69 1.91
N LEU C 6 -1.57 25.45 2.43
CA LEU C 6 -2.57 24.45 2.05
C LEU C 6 -4.01 24.89 2.38
N VAL C 7 -4.24 25.36 3.61
CA VAL C 7 -5.55 25.83 4.00
C VAL C 7 -5.95 27.09 3.23
N GLN C 8 -5.01 28.01 3.03
CA GLN C 8 -5.31 29.15 2.18
C GLN C 8 -5.86 28.73 0.80
N LEU C 9 -5.18 27.77 0.11
CA LEU C 9 -5.59 27.33 -1.21
C LEU C 9 -6.89 26.51 -1.17
N LEU C 10 -7.15 25.77 -0.08
CA LEU C 10 -8.39 25.01 0.08
C LEU C 10 -9.59 25.93 0.27
N THR C 11 -9.36 27.16 0.74
CA THR C 11 -10.48 28.03 1.12
C THR C 11 -10.65 29.20 0.16
N THR C 12 -9.81 29.37 -0.87
CA THR C 12 -9.90 30.43 -1.86
C THR C 12 -9.78 29.91 -3.29
N THR C 13 -10.18 30.73 -4.29
CA THR C 13 -10.08 30.37 -5.70
C THR C 13 -9.25 31.40 -6.50
N HIS D 4 21.04 -15.31 5.42
CA HIS D 4 21.59 -16.68 5.61
C HIS D 4 20.53 -17.64 6.18
N LYS D 5 19.92 -17.29 7.33
CA LYS D 5 18.93 -18.17 7.95
C LYS D 5 17.69 -18.34 7.05
N LEU D 6 17.26 -17.24 6.42
CA LEU D 6 16.15 -17.32 5.50
C LEU D 6 16.46 -18.29 4.36
N VAL D 7 17.65 -18.16 3.76
CA VAL D 7 17.99 -19.06 2.67
C VAL D 7 18.05 -20.53 3.17
N GLN D 8 18.64 -20.81 4.34
CA GLN D 8 18.55 -22.13 4.95
C GLN D 8 17.10 -22.64 5.05
N LEU D 9 16.19 -21.85 5.65
CA LEU D 9 14.84 -22.36 5.79
C LEU D 9 14.13 -22.62 4.45
N LEU D 10 14.46 -21.80 3.41
CA LEU D 10 13.86 -21.93 2.10
C LEU D 10 14.34 -23.18 1.39
N THR D 11 15.59 -23.59 1.62
CA THR D 11 16.24 -24.56 0.71
C THR D 11 16.66 -25.88 1.37
N THR D 12 16.93 -25.88 2.68
CA THR D 12 17.48 -27.09 3.31
C THR D 12 16.64 -27.57 4.49
N THR D 13 15.34 -27.18 4.51
CA THR D 13 14.29 -27.62 5.44
C THR D 13 13.10 -28.24 4.65
#